data_4GOU
#
_entry.id   4GOU
#
_cell.length_a   86.124
_cell.length_b   46.259
_cell.length_c   142.637
_cell.angle_alpha   90.00
_cell.angle_beta   104.20
_cell.angle_gamma   90.00
#
_symmetry.space_group_name_H-M   'C 1 2 1'
#
loop_
_entity.id
_entity.type
_entity.pdbx_description
1 polymer EhRGS-RhoGEF
2 water water
#
_entity_poly.entity_id   1
_entity_poly.type   'polypeptide(L)'
_entity_poly.pdbx_seq_one_letter_code
;SNAATETAILEGWPTLQEVLEDSF(MSE)KRLLRCYLSDERSEENLDFLESVGLYESQFDKLTPKVRLEALNFIKDQFLD
RNSERQVNLSYQIQQSILKKLSEVTSNAPKDVFNEAKKATEYLLYTEQYTYFINKLNANTIGTGKKDVYSLYLNQFPKTN
PQPLYKPTLNKIIEIEKKSWNEDEVKRNTESIKSLVESLIQDECNYVGVLTSLSEFSEI(MSE)TKKQILGPDVLKELFD
HIPVLIQHHQKFISSLQEAKADEKVGEKLNSGLHFLVLYRYYLRHVPKNIAKLCSIG(MSE)TDEIEVGRELYPLPVIEE
FDKQQK(MSE)TKK(MSE)SVLQ(MSE)LVYPYFRVRTYQAYVDDFIKITKKDSQEVKELEVVHSQLAIFQELINTYSDI
NKIERISDALKLLFPFSFTSI(MSE)PLFEGKNGICGIASLDRFDKTDINQLS(MSE)SLNSRKKLTLIILYRGVVVTDV
PVIRKKGNVSNSIDKSFYSFTLIGDIRDFGTEDSTETIYIDVPEIKKRIWFGCESTEEFKSCVEALRTIL
;
_entity_poly.pdbx_strand_id   A
#
# COMPACT_ATOMS: atom_id res chain seq x y z
N ALA A 3 26.20 -2.62 15.01
CA ALA A 3 26.49 -1.28 14.48
C ALA A 3 26.51 -1.28 12.96
N ALA A 4 27.03 -2.36 12.38
CA ALA A 4 27.08 -2.49 10.93
C ALA A 4 25.69 -2.77 10.38
N THR A 5 24.78 -3.23 11.23
CA THR A 5 23.43 -3.55 10.77
C THR A 5 22.33 -2.59 11.27
N GLU A 6 22.64 -1.79 12.28
CA GLU A 6 21.62 -0.93 12.90
C GLU A 6 21.93 0.56 12.92
N THR A 7 22.85 0.99 12.05
CA THR A 7 23.11 2.41 11.85
C THR A 7 22.68 2.82 10.45
N ALA A 8 21.90 3.89 10.39
CA ALA A 8 21.47 4.45 9.12
C ALA A 8 22.53 5.43 8.65
N ILE A 9 23.15 5.19 7.50
CA ILE A 9 24.18 6.13 7.03
C ILE A 9 23.56 7.42 6.53
N LEU A 10 22.29 7.36 6.15
CA LEU A 10 21.56 8.54 5.75
C LEU A 10 20.32 8.72 6.61
N GLU A 11 20.16 9.91 7.20
CA GLU A 11 19.05 10.18 8.10
C GLU A 11 17.70 9.99 7.42
N GLY A 12 16.82 9.21 8.06
CA GLY A 12 15.52 8.89 7.49
C GLY A 12 15.50 7.75 6.47
N TRP A 13 16.65 7.13 6.25
CA TRP A 13 16.78 6.03 5.30
C TRP A 13 17.07 4.74 6.08
N PRO A 14 16.61 3.59 5.55
CA PRO A 14 16.67 2.35 6.35
C PRO A 14 18.08 1.90 6.74
N THR A 15 18.20 1.25 7.88
CA THR A 15 19.44 0.61 8.29
C THR A 15 19.65 -0.61 7.39
N LEU A 16 20.86 -1.17 7.41
CA LEU A 16 21.14 -2.36 6.60
C LEU A 16 20.15 -3.47 6.96
N GLN A 17 19.94 -3.68 8.25
CA GLN A 17 18.98 -4.67 8.71
C GLN A 17 17.60 -4.43 8.11
N GLU A 18 17.15 -3.18 8.10
CA GLU A 18 15.83 -2.85 7.54
C GLU A 18 15.76 -3.09 6.03
N VAL A 19 16.87 -2.88 5.33
CA VAL A 19 16.92 -3.24 3.92
C VAL A 19 16.84 -4.76 3.75
N LEU A 20 17.67 -5.49 4.49
CA LEU A 20 17.71 -6.95 4.36
C LEU A 20 16.39 -7.62 4.75
N GLU A 21 15.63 -7.01 5.67
CA GLU A 21 14.39 -7.63 6.12
C GLU A 21 13.15 -7.37 5.26
N ASP A 22 13.25 -6.43 4.32
CA ASP A 22 12.17 -6.20 3.37
C ASP A 22 12.49 -6.88 2.06
N SER A 23 11.57 -7.64 1.51
CA SER A 23 11.85 -8.38 0.28
C SER A 23 12.05 -7.46 -0.93
N PHE A 24 11.35 -6.34 -0.99
CA PHE A 24 11.53 -5.44 -2.13
C PHE A 24 12.91 -4.76 -2.05
N LYS A 26 15.58 -5.58 -0.41
CA LYS A 26 16.65 -6.58 -0.57
C LYS A 26 16.90 -6.92 -2.04
N ARG A 27 15.81 -7.02 -2.82
CA ARG A 27 15.92 -7.26 -4.25
C ARG A 27 16.62 -6.12 -4.95
N LEU A 28 16.36 -4.89 -4.52
CA LEU A 28 17.04 -3.73 -5.13
C LEU A 28 18.53 -3.81 -4.81
N LEU A 29 18.86 -4.06 -3.55
CA LEU A 29 20.24 -4.17 -3.13
C LEU A 29 20.90 -5.27 -3.95
N ARG A 30 20.19 -6.38 -4.12
CA ARG A 30 20.73 -7.49 -4.89
C ARG A 30 20.97 -7.17 -6.38
N CYS A 31 20.05 -6.42 -7.00
CA CYS A 31 20.29 -5.96 -8.37
C CYS A 31 21.54 -5.10 -8.43
N TYR A 32 21.69 -4.21 -7.45
CA TYR A 32 22.83 -3.32 -7.42
C TYR A 32 24.13 -4.13 -7.31
N LEU A 33 24.17 -5.07 -6.37
CA LEU A 33 25.35 -5.89 -6.13
C LEU A 33 25.68 -6.79 -7.32
N SER A 34 24.63 -7.30 -7.96
CA SER A 34 24.77 -8.19 -9.11
C SER A 34 25.33 -7.41 -10.30
N ASP A 35 24.84 -6.19 -10.51
CA ASP A 35 25.35 -5.32 -11.58
C ASP A 35 26.86 -5.06 -11.47
N GLU A 36 27.37 -4.96 -10.24
CA GLU A 36 28.80 -4.78 -9.99
C GLU A 36 29.51 -6.09 -9.84
N ARG A 37 28.79 -7.19 -9.96
CA ARG A 37 29.38 -8.51 -9.74
C ARG A 37 30.13 -8.60 -8.40
N SER A 38 29.47 -8.14 -7.33
CA SER A 38 30.06 -8.23 -6.00
C SER A 38 29.04 -8.73 -5.01
N GLU A 39 28.59 -9.96 -5.22
CA GLU A 39 27.56 -10.53 -4.37
C GLU A 39 28.08 -11.32 -3.18
N GLU A 40 29.40 -11.49 -3.10
CA GLU A 40 30.02 -12.39 -2.10
C GLU A 40 29.62 -12.04 -0.65
N ASN A 41 29.58 -10.75 -0.30
CA ASN A 41 29.33 -10.38 1.09
C ASN A 41 27.92 -10.78 1.50
N LEU A 42 26.94 -10.44 0.66
CA LEU A 42 25.55 -10.78 0.93
C LEU A 42 25.33 -12.30 0.87
N ASP A 43 25.89 -12.93 -0.16
CA ASP A 43 25.82 -14.38 -0.30
C ASP A 43 26.42 -15.11 0.90
N PHE A 44 27.54 -14.62 1.40
CA PHE A 44 28.10 -15.22 2.60
C PHE A 44 27.13 -15.07 3.81
N LEU A 45 26.57 -13.88 4.00
CA LEU A 45 25.61 -13.65 5.09
C LEU A 45 24.33 -14.51 4.99
N GLU A 46 23.80 -14.68 3.80
CA GLU A 46 22.64 -15.56 3.63
C GLU A 46 22.96 -17.02 3.93
N SER A 47 24.12 -17.49 3.47
CA SER A 47 24.58 -18.84 3.77
C SER A 47 24.68 -19.05 5.27
N VAL A 48 25.24 -18.08 5.98
CA VAL A 48 25.37 -18.21 7.42
C VAL A 48 23.99 -18.22 8.04
N GLY A 49 23.16 -17.25 7.67
CA GLY A 49 21.76 -17.25 8.05
C GLY A 49 21.08 -18.60 7.82
N LEU A 50 21.34 -19.22 6.67
CA LEU A 50 20.71 -20.49 6.38
C LEU A 50 21.30 -21.60 7.26
N TYR A 51 22.62 -21.56 7.46
CA TYR A 51 23.28 -22.52 8.36
C TYR A 51 22.64 -22.47 9.76
N GLU A 52 22.48 -21.28 10.31
CA GLU A 52 21.92 -21.11 11.63
C GLU A 52 20.46 -21.59 11.73
N SER A 53 19.65 -21.33 10.72
CA SER A 53 18.23 -21.70 10.82
C SER A 53 18.00 -23.19 10.59
N GLN A 54 18.91 -23.82 9.82
CA GLN A 54 18.89 -25.26 9.61
C GLN A 54 19.51 -26.04 10.78
N PHE A 55 20.37 -25.39 11.55
CA PHE A 55 21.23 -26.09 12.52
C PHE A 55 20.50 -27.10 13.43
N ASP A 56 19.45 -26.66 14.09
CA ASP A 56 18.82 -27.46 15.15
C ASP A 56 18.30 -28.80 14.64
N LYS A 57 17.76 -28.82 13.43
CA LYS A 57 17.16 -30.04 12.90
C LYS A 57 18.12 -30.94 12.10
N LEU A 58 19.40 -30.58 12.04
CA LEU A 58 20.40 -31.38 11.34
C LEU A 58 21.26 -32.20 12.31
N THR A 59 21.84 -33.28 11.83
CA THR A 59 22.81 -34.07 12.59
C THR A 59 24.17 -33.37 12.59
N PRO A 60 25.02 -33.69 13.58
CA PRO A 60 26.36 -33.09 13.57
C PRO A 60 27.12 -33.35 12.27
N LYS A 61 26.97 -34.54 11.71
CA LYS A 61 27.58 -34.88 10.44
C LYS A 61 27.18 -33.89 9.33
N VAL A 62 25.87 -33.63 9.20
CA VAL A 62 25.40 -32.75 8.14
C VAL A 62 25.73 -31.27 8.40
N ARG A 63 25.76 -30.87 9.67
CA ARG A 63 26.26 -29.54 10.02
C ARG A 63 27.72 -29.35 9.61
N LEU A 64 28.52 -30.40 9.74
CA LEU A 64 29.94 -30.33 9.35
C LEU A 64 30.08 -30.19 7.84
N GLU A 65 29.20 -30.88 7.13
CA GLU A 65 29.14 -30.80 5.68
C GLU A 65 28.84 -29.37 5.25
N ALA A 66 27.84 -28.77 5.89
CA ALA A 66 27.44 -27.39 5.61
C ALA A 66 28.57 -26.39 5.94
N LEU A 67 29.18 -26.55 7.09
CA LEU A 67 30.37 -25.77 7.47
C LEU A 67 31.48 -25.86 6.39
N ASN A 68 31.86 -27.07 5.98
CA ASN A 68 32.92 -27.19 4.98
C ASN A 68 32.58 -26.55 3.63
N PHE A 69 31.32 -26.66 3.24
CA PHE A 69 30.83 -26.03 2.02
C PHE A 69 30.94 -24.52 2.07
N ILE A 70 30.44 -23.93 3.17
CA ILE A 70 30.47 -22.48 3.33
C ILE A 70 31.92 -21.98 3.34
N LYS A 71 32.77 -22.65 4.11
CA LYS A 71 34.22 -22.43 4.08
C LYS A 71 34.79 -22.46 2.67
N ASP A 72 34.46 -23.52 1.92
CA ASP A 72 34.99 -23.69 0.56
C ASP A 72 34.53 -22.58 -0.38
N GLN A 73 33.34 -22.02 -0.14
CA GLN A 73 32.80 -21.01 -1.04
C GLN A 73 33.37 -19.61 -0.76
N PHE A 74 33.45 -19.26 0.52
CA PHE A 74 33.60 -17.86 0.90
C PHE A 74 34.85 -17.49 1.73
N LEU A 75 35.42 -18.44 2.44
CA LEU A 75 36.41 -18.11 3.49
C LEU A 75 37.81 -18.69 3.25
N ASP A 76 37.87 -19.88 2.66
CA ASP A 76 39.15 -20.51 2.33
C ASP A 76 40.04 -19.64 1.41
N ARG A 77 41.36 -19.74 1.62
CA ARG A 77 42.34 -18.92 0.90
C ARG A 77 42.32 -19.09 -0.62
N ASN A 78 41.78 -20.20 -1.10
CA ASN A 78 41.70 -20.38 -2.55
C ASN A 78 40.28 -20.25 -3.08
N SER A 79 39.34 -19.92 -2.19
CA SER A 79 37.91 -20.00 -2.50
C SER A 79 37.49 -19.09 -3.66
N GLU A 80 36.40 -19.48 -4.33
CA GLU A 80 35.98 -18.79 -5.54
C GLU A 80 35.31 -17.45 -5.22
N ARG A 81 34.37 -17.45 -4.27
CA ARG A 81 33.71 -16.22 -3.88
C ARG A 81 34.33 -15.64 -2.63
N GLN A 82 35.64 -15.51 -2.59
CA GLN A 82 36.30 -15.06 -1.37
C GLN A 82 35.85 -13.68 -0.87
N VAL A 83 35.39 -13.62 0.37
CA VAL A 83 35.14 -12.34 1.03
C VAL A 83 36.49 -11.58 1.19
N ASN A 84 36.51 -10.30 0.84
CA ASN A 84 37.75 -9.54 0.85
C ASN A 84 38.21 -9.16 2.27
N LEU A 85 38.51 -10.16 3.08
CA LEU A 85 39.05 -9.96 4.42
C LEU A 85 40.53 -9.56 4.40
N SER A 86 40.88 -8.54 5.18
CA SER A 86 42.28 -8.18 5.37
C SER A 86 43.05 -9.31 6.05
N TYR A 87 44.38 -9.24 6.02
CA TYR A 87 45.20 -10.29 6.63
C TYR A 87 44.86 -10.61 8.09
N GLN A 88 44.85 -9.60 8.97
CA GLN A 88 44.76 -9.86 10.42
C GLN A 88 43.40 -10.43 10.84
N ILE A 89 42.37 -10.11 10.06
CA ILE A 89 41.04 -10.62 10.29
C ILE A 89 40.94 -12.04 9.72
N GLN A 90 41.39 -12.21 8.49
CA GLN A 90 41.34 -13.51 7.82
C GLN A 90 42.10 -14.58 8.59
N GLN A 91 43.29 -14.23 9.09
CA GLN A 91 44.12 -15.16 9.82
C GLN A 91 43.47 -15.60 11.12
N SER A 92 42.76 -14.69 11.78
CA SER A 92 42.08 -15.04 13.02
C SER A 92 40.92 -15.99 12.72
N ILE A 93 40.14 -15.65 11.71
CA ILE A 93 38.99 -16.46 11.34
C ILE A 93 39.36 -17.87 10.92
N LEU A 94 40.32 -18.02 10.01
CA LEU A 94 40.68 -19.35 9.51
C LEU A 94 41.40 -20.19 10.57
N LYS A 95 42.11 -19.55 11.49
CA LYS A 95 42.77 -20.29 12.57
C LYS A 95 41.70 -20.97 13.44
N LYS A 96 40.71 -20.18 13.89
CA LYS A 96 39.58 -20.75 14.65
C LYS A 96 38.82 -21.83 13.88
N LEU A 97 38.49 -21.58 12.62
CA LEU A 97 37.82 -22.57 11.78
C LEU A 97 38.61 -23.86 11.64
N SER A 98 39.94 -23.74 11.61
CA SER A 98 40.76 -24.93 11.42
C SER A 98 40.77 -25.79 12.67
N GLU A 99 40.28 -25.26 13.78
CA GLU A 99 40.19 -26.00 15.04
C GLU A 99 38.83 -26.67 15.25
N VAL A 100 37.89 -26.40 14.36
CA VAL A 100 36.57 -27.00 14.47
C VAL A 100 36.52 -28.19 13.54
N THR A 101 37.04 -29.30 14.01
CA THR A 101 37.07 -30.52 13.22
C THR A 101 35.94 -31.48 13.60
N SER A 102 35.37 -31.29 14.79
CA SER A 102 34.55 -32.34 15.36
C SER A 102 33.05 -32.05 15.40
N ASN A 103 32.65 -31.11 16.26
CA ASN A 103 31.24 -30.90 16.56
C ASN A 103 30.88 -29.45 16.28
N ALA A 104 30.66 -29.14 15.01
CA ALA A 104 30.33 -27.80 14.55
C ALA A 104 29.27 -27.14 15.44
N PRO A 105 29.63 -26.01 16.05
CA PRO A 105 28.63 -25.28 16.84
C PRO A 105 27.77 -24.33 16.00
N LYS A 106 26.68 -23.86 16.58
CA LYS A 106 25.69 -23.10 15.84
C LYS A 106 26.25 -21.74 15.43
N ASP A 107 27.20 -21.25 16.21
CA ASP A 107 27.68 -19.90 16.02
C ASP A 107 29.12 -19.89 15.55
N VAL A 108 29.54 -20.94 14.87
CA VAL A 108 30.89 -21.05 14.37
C VAL A 108 31.21 -19.85 13.45
N PHE A 109 30.20 -19.30 12.78
CA PHE A 109 30.46 -18.20 11.86
C PHE A 109 30.30 -16.79 12.42
N ASN A 110 30.01 -16.64 13.71
CA ASN A 110 29.83 -15.30 14.30
C ASN A 110 30.92 -14.28 13.97
N GLU A 111 32.18 -14.67 14.17
CA GLU A 111 33.29 -13.76 13.95
C GLU A 111 33.35 -13.35 12.49
N ALA A 112 33.19 -14.32 11.59
CA ALA A 112 33.28 -14.04 10.16
C ALA A 112 32.07 -13.22 9.72
N LYS A 113 30.92 -13.57 10.29
CA LYS A 113 29.69 -12.84 10.02
C LYS A 113 29.87 -11.36 10.37
N LYS A 114 30.35 -11.07 11.57
CA LYS A 114 30.58 -9.69 12.00
C LYS A 114 31.57 -8.97 11.09
N ALA A 115 32.65 -9.66 10.69
CA ALA A 115 33.61 -9.04 9.77
C ALA A 115 32.97 -8.76 8.41
N THR A 116 32.13 -9.68 7.92
CA THR A 116 31.48 -9.50 6.62
C THR A 116 30.35 -8.43 6.62
N GLU A 117 29.53 -8.40 7.68
CA GLU A 117 28.55 -7.34 7.82
C GLU A 117 29.24 -5.98 7.77
N TYR A 118 30.41 -5.89 8.39
CA TYR A 118 31.15 -4.64 8.40
C TYR A 118 31.51 -4.19 6.97
N LEU A 119 32.00 -5.13 6.16
CA LEU A 119 32.32 -4.86 4.76
C LEU A 119 31.07 -4.51 3.93
N LEU A 120 30.02 -5.32 4.06
CA LEU A 120 28.76 -5.05 3.37
C LEU A 120 28.26 -3.64 3.71
N TYR A 121 28.22 -3.30 4.99
CA TYR A 121 27.80 -1.97 5.40
C TYR A 121 28.67 -0.84 4.82
N THR A 122 29.98 -1.00 4.94
CA THR A 122 30.91 0.08 4.63
C THR A 122 31.18 0.26 3.13
N GLU A 123 31.32 -0.85 2.42
CA GLU A 123 31.77 -0.81 1.03
C GLU A 123 30.62 -0.92 0.05
N GLN A 124 29.45 -1.34 0.53
CA GLN A 124 28.37 -1.65 -0.40
C GLN A 124 27.04 -1.04 -0.07
N TYR A 125 26.52 -1.34 1.11
CA TYR A 125 25.24 -0.78 1.49
C TYR A 125 25.30 0.75 1.48
N THR A 126 26.44 1.29 1.86
CA THR A 126 26.65 2.73 1.88
C THR A 126 26.48 3.35 0.50
N TYR A 127 27.14 2.77 -0.49
CA TYR A 127 27.04 3.25 -1.87
C TYR A 127 25.64 3.03 -2.47
N PHE A 128 24.96 1.98 -2.01
CA PHE A 128 23.60 1.65 -2.44
C PHE A 128 22.61 2.74 -2.02
N ILE A 129 22.62 3.10 -0.75
CA ILE A 129 21.77 4.17 -0.23
C ILE A 129 22.11 5.51 -0.89
N ASN A 130 23.40 5.78 -1.10
CA ASN A 130 23.85 6.96 -1.84
C ASN A 130 23.30 6.99 -3.27
N LYS A 131 23.28 5.84 -3.94
CA LYS A 131 22.78 5.78 -5.31
C LYS A 131 21.27 6.09 -5.38
N LEU A 132 20.52 5.61 -4.39
CA LEU A 132 19.09 5.94 -4.32
C LEU A 132 18.84 7.43 -4.11
N ASN A 133 19.88 8.15 -3.65
CA ASN A 133 19.79 9.60 -3.49
C ASN A 133 20.58 10.42 -4.48
N ALA A 134 21.09 9.79 -5.54
CA ALA A 134 21.88 10.52 -6.49
C ALA A 134 20.97 11.37 -7.37
N ASN A 135 21.55 12.48 -7.80
CA ASN A 135 20.96 13.40 -8.73
C ASN A 135 20.53 12.75 -10.05
N THR A 136 21.11 11.60 -10.36
CA THR A 136 20.89 10.93 -11.65
C THR A 136 20.08 9.63 -11.59
N ILE A 137 19.61 9.27 -10.40
CA ILE A 137 18.84 8.03 -10.22
C ILE A 137 17.55 8.17 -11.02
N GLY A 138 17.14 7.09 -11.69
CA GLY A 138 15.86 7.06 -12.38
C GLY A 138 15.80 7.71 -13.75
N THR A 139 16.94 7.74 -14.45
CA THR A 139 17.00 8.31 -15.79
C THR A 139 17.83 7.44 -16.76
N LYS A 142 20.83 3.18 -16.83
CA LYS A 142 20.65 1.76 -16.54
C LYS A 142 21.01 1.49 -15.08
N ASP A 143 20.33 2.19 -14.18
CA ASP A 143 20.61 2.10 -12.76
C ASP A 143 19.84 0.98 -12.07
N VAL A 144 19.89 0.98 -10.75
CA VAL A 144 19.32 -0.09 -9.97
C VAL A 144 17.79 -0.23 -10.12
N TYR A 145 17.07 0.89 -10.31
CA TYR A 145 15.64 0.83 -10.56
C TYR A 145 15.29 0.18 -11.89
N SER A 146 15.99 0.55 -12.96
CA SER A 146 15.67 -0.04 -14.26
C SER A 146 16.17 -1.50 -14.34
N LEU A 147 17.32 -1.78 -13.76
CA LEU A 147 17.75 -3.17 -13.62
C LEU A 147 16.66 -3.99 -12.92
N TYR A 148 16.10 -3.46 -11.85
CA TYR A 148 15.01 -4.15 -11.15
C TYR A 148 13.74 -4.26 -12.02
N LEU A 149 13.34 -3.19 -12.69
CA LEU A 149 12.11 -3.22 -13.49
C LEU A 149 12.21 -4.19 -14.68
N ASN A 150 13.42 -4.40 -15.20
CA ASN A 150 13.59 -5.36 -16.30
C ASN A 150 13.32 -6.82 -15.94
N GLN A 151 13.09 -7.11 -14.66
CA GLN A 151 12.71 -8.45 -14.23
C GLN A 151 11.19 -8.68 -14.25
N PHE A 152 10.44 -7.72 -14.79
CA PHE A 152 8.98 -7.79 -14.83
C PHE A 152 8.47 -7.46 -16.23
N PRO A 153 7.61 -8.32 -16.80
CA PRO A 153 7.10 -8.13 -18.17
C PRO A 153 6.00 -7.08 -18.24
N GLN A 158 -6.02 -2.60 -18.97
CA GLN A 158 -6.96 -3.64 -18.57
C GLN A 158 -7.97 -3.13 -17.55
N PRO A 159 -9.13 -2.64 -18.02
CA PRO A 159 -10.15 -1.91 -17.25
C PRO A 159 -10.52 -2.49 -15.88
N LEU A 160 -10.89 -1.56 -14.99
CA LEU A 160 -11.25 -1.89 -13.63
C LEU A 160 -12.56 -2.66 -13.54
N TYR A 161 -13.49 -2.33 -14.43
CA TYR A 161 -14.83 -2.92 -14.39
C TYR A 161 -15.27 -3.39 -15.77
N LYS A 162 -16.29 -4.24 -15.81
CA LYS A 162 -16.91 -4.60 -17.06
C LYS A 162 -17.65 -3.38 -17.61
N PRO A 163 -17.94 -3.35 -18.94
CA PRO A 163 -18.47 -2.19 -19.67
C PRO A 163 -19.49 -1.28 -19.00
N THR A 164 -20.68 -1.80 -18.67
CA THR A 164 -21.75 -0.95 -18.16
C THR A 164 -21.44 -0.28 -16.82
N LEU A 165 -20.80 -1.00 -15.90
CA LEU A 165 -20.41 -0.44 -14.62
C LEU A 165 -19.26 0.55 -14.79
N ASN A 166 -18.38 0.27 -15.75
CA ASN A 166 -17.24 1.14 -16.00
C ASN A 166 -17.71 2.53 -16.41
N LYS A 167 -18.72 2.58 -17.26
CA LYS A 167 -19.30 3.85 -17.69
C LYS A 167 -19.83 4.63 -16.50
N ILE A 168 -20.59 3.95 -15.64
CA ILE A 168 -21.18 4.59 -14.47
C ILE A 168 -20.12 5.14 -13.54
N ILE A 169 -19.11 4.33 -13.24
CA ILE A 169 -18.06 4.72 -12.32
C ILE A 169 -17.25 5.89 -12.86
N GLU A 170 -16.85 5.77 -14.13
CA GLU A 170 -16.12 6.83 -14.81
C GLU A 170 -16.84 8.18 -14.76
N ILE A 171 -18.17 8.15 -14.78
CA ILE A 171 -18.94 9.36 -14.63
C ILE A 171 -18.74 9.96 -13.24
N GLU A 172 -18.74 9.12 -12.21
CA GLU A 172 -18.64 9.62 -10.84
C GLU A 172 -17.24 10.17 -10.61
N LYS A 173 -16.25 9.58 -11.27
CA LYS A 173 -14.87 9.99 -11.09
C LYS A 173 -14.64 11.43 -11.57
N LYS A 174 -15.40 11.84 -12.59
CA LYS A 174 -15.31 13.22 -13.09
C LYS A 174 -15.69 14.23 -12.01
N SER A 175 -16.54 13.80 -11.06
CA SER A 175 -16.99 14.66 -9.96
C SER A 175 -16.05 14.58 -8.76
N TRP A 176 -15.49 13.39 -8.52
CA TRP A 176 -14.55 13.17 -7.44
C TRP A 176 -13.26 13.99 -7.62
N ASN A 177 -13.04 14.47 -8.84
CA ASN A 177 -11.87 15.29 -9.17
C ASN A 177 -12.16 16.78 -9.06
N GLU A 178 -13.39 17.13 -8.69
CA GLU A 178 -13.75 18.51 -8.46
C GLU A 178 -13.29 18.93 -7.06
N ASP A 179 -12.65 17.99 -6.37
CA ASP A 179 -11.83 18.27 -5.19
C ASP A 179 -10.38 18.03 -5.62
N GLU A 180 -9.43 18.76 -5.02
CA GLU A 180 -9.72 19.75 -3.99
C GLU A 180 -8.92 21.01 -4.27
N VAL A 181 -7.66 21.02 -3.84
CA VAL A 181 -6.75 22.12 -4.16
C VAL A 181 -6.58 22.19 -5.67
N LYS A 182 -7.19 23.19 -6.31
CA LYS A 182 -6.95 23.43 -7.71
C LYS A 182 -5.51 23.89 -7.86
N ARG A 183 -4.86 23.49 -8.94
CA ARG A 183 -3.49 23.89 -9.15
C ARG A 183 -3.48 25.21 -9.88
N ASN A 184 -2.91 26.20 -9.22
CA ASN A 184 -2.88 27.55 -9.76
C ASN A 184 -1.67 27.75 -10.67
N THR A 185 -1.92 27.83 -11.97
CA THR A 185 -0.85 27.88 -12.96
C THR A 185 -0.61 29.27 -13.56
N GLU A 186 -0.98 30.32 -12.81
CA GLU A 186 -0.74 31.71 -13.24
C GLU A 186 0.74 31.87 -13.53
N SER A 187 1.54 31.46 -12.55
CA SER A 187 2.98 31.57 -12.61
C SER A 187 3.61 30.39 -11.89
N ILE A 188 4.93 30.32 -11.91
CA ILE A 188 5.64 29.26 -11.22
C ILE A 188 5.53 29.42 -9.71
N LYS A 189 5.66 30.67 -9.25
CA LYS A 189 5.49 31.00 -7.83
C LYS A 189 4.12 30.52 -7.35
N SER A 190 3.09 30.82 -8.13
CA SER A 190 1.73 30.49 -7.75
C SER A 190 1.55 28.98 -7.71
N LEU A 191 2.24 28.27 -8.57
CA LEU A 191 2.08 26.83 -8.64
C LEU A 191 2.79 26.13 -7.48
N VAL A 192 3.92 26.69 -7.06
CA VAL A 192 4.63 26.19 -5.89
C VAL A 192 3.77 26.38 -4.62
N GLU A 193 3.08 27.53 -4.52
CA GLU A 193 2.17 27.79 -3.41
C GLU A 193 1.09 26.72 -3.31
N SER A 194 0.53 26.35 -4.45
CA SER A 194 -0.44 25.26 -4.53
C SER A 194 0.13 23.96 -3.99
N LEU A 195 1.34 23.62 -4.43
CA LEU A 195 1.96 22.36 -4.03
C LEU A 195 2.24 22.36 -2.53
N ILE A 196 2.73 23.47 -2.01
CA ILE A 196 2.95 23.59 -0.58
C ILE A 196 1.66 23.33 0.22
N GLN A 197 0.58 23.98 -0.17
CA GLN A 197 -0.73 23.77 0.46
C GLN A 197 -1.20 22.32 0.35
N ASP A 198 -1.01 21.72 -0.82
CA ASP A 198 -1.32 20.31 -1.04
C ASP A 198 -0.50 19.40 -0.09
N GLU A 199 0.82 19.56 -0.09
CA GLU A 199 1.70 18.78 0.80
C GLU A 199 1.30 18.95 2.26
N CYS A 200 1.03 20.19 2.66
CA CYS A 200 0.60 20.45 4.03
C CYS A 200 -0.67 19.69 4.36
N ASN A 201 -1.65 19.71 3.46
CA ASN A 201 -2.88 18.95 3.66
C ASN A 201 -2.59 17.45 3.77
N TYR A 202 -1.77 16.95 2.85
CA TYR A 202 -1.41 15.54 2.83
C TYR A 202 -0.68 15.11 4.10
N VAL A 203 0.29 15.91 4.54
CA VAL A 203 0.97 15.65 5.81
C VAL A 203 -0.03 15.67 6.98
N GLY A 204 -1.04 16.55 6.89
CA GLY A 204 -2.12 16.57 7.86
C GLY A 204 -2.85 15.23 7.94
N VAL A 205 -3.06 14.59 6.79
CA VAL A 205 -3.67 13.27 6.75
C VAL A 205 -2.77 12.26 7.44
N LEU A 206 -1.50 12.21 7.03
CA LEU A 206 -0.52 11.29 7.63
C LEU A 206 -0.38 11.52 9.15
N THR A 207 -0.37 12.79 9.56
CA THR A 207 -0.28 13.15 10.99
C THR A 207 -1.53 12.72 11.78
N SER A 208 -2.70 12.84 11.18
CA SER A 208 -3.92 12.32 11.80
C SER A 208 -3.85 10.81 12.05
N LEU A 209 -3.33 10.04 11.08
CA LEU A 209 -3.14 8.59 11.26
C LEU A 209 -2.18 8.32 12.41
N SER A 210 -1.10 9.07 12.44
CA SER A 210 -0.14 8.97 13.54
C SER A 210 -0.82 9.17 14.88
N GLU A 211 -1.62 10.23 15.00
CA GLU A 211 -2.35 10.52 16.23
C GLU A 211 -3.33 9.40 16.54
N PHE A 212 -3.93 8.82 15.50
CA PHE A 212 -4.87 7.74 15.73
C PHE A 212 -4.12 6.54 16.29
N SER A 213 -2.92 6.30 15.76
CA SER A 213 -2.05 5.28 16.32
C SER A 213 -1.77 5.54 17.81
N GLU A 214 -1.46 6.78 18.16
CA GLU A 214 -1.26 7.16 19.56
C GLU A 214 -2.50 6.88 20.43
N ILE A 215 -3.67 7.22 19.92
CA ILE A 215 -4.93 7.01 20.66
C ILE A 215 -5.13 5.54 21.01
N THR A 217 -2.86 3.24 21.39
CA THR A 217 -1.90 2.74 22.37
C THR A 217 -2.33 3.17 23.78
N LYS A 218 -2.61 4.46 23.95
CA LYS A 218 -2.98 5.01 25.27
C LYS A 218 -4.21 4.33 25.83
N LYS A 219 -5.06 3.85 24.94
CA LYS A 219 -6.29 3.18 25.33
C LYS A 219 -6.05 1.68 25.48
N GLN A 220 -4.81 1.26 25.27
CA GLN A 220 -4.45 -0.16 25.26
C GLN A 220 -5.30 -0.99 24.30
N ILE A 221 -5.88 -0.34 23.29
CA ILE A 221 -6.73 -1.05 22.33
C ILE A 221 -5.89 -2.00 21.46
N LEU A 222 -4.68 -1.59 21.11
CA LEU A 222 -3.82 -2.42 20.26
C LEU A 222 -2.37 -2.50 20.74
N GLY A 223 -1.79 -3.70 20.63
CA GLY A 223 -0.38 -3.88 20.93
C GLY A 223 0.50 -3.34 19.81
N PRO A 224 1.79 -3.17 20.10
CA PRO A 224 2.77 -2.63 19.14
C PRO A 224 2.90 -3.43 17.83
N ASP A 225 2.66 -4.74 17.87
CA ASP A 225 2.76 -5.53 16.64
C ASP A 225 1.65 -5.17 15.65
N VAL A 226 0.40 -5.19 16.11
CA VAL A 226 -0.73 -4.82 15.25
C VAL A 226 -0.61 -3.37 14.75
N LEU A 227 -0.10 -2.48 15.59
CA LEU A 227 0.06 -1.10 15.15
C LEU A 227 1.12 -0.96 14.04
N LYS A 228 2.14 -1.83 14.05
CA LYS A 228 3.09 -1.85 12.95
C LYS A 228 2.41 -2.33 11.67
N GLU A 229 1.55 -3.34 11.80
CA GLU A 229 0.81 -3.86 10.63
C GLU A 229 -0.10 -2.81 10.01
N LEU A 230 -0.41 -1.77 10.78
CA LEU A 230 -1.33 -0.73 10.31
C LEU A 230 -0.63 0.52 9.80
N PHE A 231 0.41 0.95 10.51
CA PHE A 231 0.95 2.29 10.36
C PHE A 231 2.46 2.34 10.12
N ASP A 232 3.05 1.19 9.80
CA ASP A 232 4.48 1.06 9.59
C ASP A 232 5.14 2.22 8.82
N HIS A 233 6.19 2.79 9.41
CA HIS A 233 6.98 3.87 8.78
C HIS A 233 6.24 5.16 8.51
N ILE A 234 5.00 5.27 8.95
CA ILE A 234 4.32 6.53 8.76
C ILE A 234 5.05 7.76 9.36
N PRO A 235 5.59 7.66 10.60
CA PRO A 235 6.38 8.79 11.12
C PRO A 235 7.60 9.16 10.27
N VAL A 236 8.31 8.18 9.73
CA VAL A 236 9.47 8.45 8.88
C VAL A 236 9.06 9.18 7.60
N LEU A 237 7.95 8.80 7.00
CA LEU A 237 7.50 9.47 5.78
C LEU A 237 7.06 10.89 6.07
N ILE A 238 6.37 11.08 7.18
CA ILE A 238 5.99 12.43 7.62
C ILE A 238 7.21 13.34 7.68
N GLN A 239 8.31 12.81 8.23
CA GLN A 239 9.54 13.60 8.34
C GLN A 239 10.14 14.02 6.98
N HIS A 240 10.14 13.12 6.01
CA HIS A 240 10.61 13.44 4.67
C HIS A 240 9.71 14.45 3.97
N HIS A 241 8.41 14.31 4.17
CA HIS A 241 7.47 15.26 3.56
C HIS A 241 7.62 16.63 4.21
N GLN A 242 7.92 16.66 5.50
CA GLN A 242 8.13 17.92 6.18
C GLN A 242 9.38 18.62 5.65
N LYS A 243 10.44 17.85 5.43
CA LYS A 243 11.68 18.36 4.85
C LYS A 243 11.44 18.90 3.42
N PHE A 244 10.57 18.22 2.66
CA PHE A 244 10.15 18.69 1.35
C PHE A 244 9.42 20.03 1.41
N ILE A 245 8.49 20.16 2.35
CA ILE A 245 7.75 21.40 2.54
C ILE A 245 8.68 22.56 2.89
N SER A 246 9.62 22.33 3.80
CA SER A 246 10.59 23.37 4.20
C SER A 246 11.45 23.79 3.01
N SER A 247 11.77 22.84 2.16
CA SER A 247 12.51 23.14 0.95
C SER A 247 11.69 24.02 0.00
N LEU A 248 10.40 23.67 -0.16
CA LEU A 248 9.54 24.36 -1.12
C LEU A 248 9.24 25.78 -0.69
N GLN A 249 9.17 26.00 0.62
CA GLN A 249 8.88 27.34 1.11
C GLN A 249 10.13 28.19 1.33
N GLU A 250 11.28 27.69 0.89
CA GLU A 250 12.50 28.50 0.91
C GLU A 250 12.30 29.70 -0.02
N ALA A 251 12.98 30.80 0.29
CA ALA A 251 12.86 32.02 -0.52
C ALA A 251 13.45 31.84 -1.91
N LYS A 252 12.71 32.29 -2.92
CA LYS A 252 13.05 32.05 -4.32
C LYS A 252 13.27 30.55 -4.64
N ALA A 253 12.45 29.70 -4.03
CA ALA A 253 12.44 28.27 -4.35
C ALA A 253 11.73 28.06 -5.69
N ASP A 254 10.94 29.05 -6.09
CA ASP A 254 10.32 29.09 -7.42
C ASP A 254 11.39 29.17 -8.52
N GLU A 255 12.62 29.48 -8.13
CA GLU A 255 13.71 29.57 -9.07
C GLU A 255 14.45 28.24 -9.20
N LYS A 256 14.19 27.34 -8.25
CA LYS A 256 14.88 26.05 -8.20
C LYS A 256 13.93 24.84 -8.18
N VAL A 257 12.75 24.98 -8.78
CA VAL A 257 11.74 23.92 -8.76
C VAL A 257 12.28 22.54 -9.13
N GLY A 258 12.88 22.42 -10.31
CA GLY A 258 13.37 21.13 -10.79
C GLY A 258 14.30 20.46 -9.81
N GLU A 259 15.28 21.21 -9.31
CA GLU A 259 16.22 20.63 -8.37
C GLU A 259 15.55 20.18 -7.08
N LYS A 260 14.61 20.96 -6.58
CA LYS A 260 13.93 20.65 -5.33
C LYS A 260 13.04 19.40 -5.43
N LEU A 261 12.38 19.23 -6.57
CA LEU A 261 11.58 18.03 -6.76
C LEU A 261 12.48 16.77 -6.86
N ASN A 262 13.60 16.90 -7.57
CA ASN A 262 14.52 15.78 -7.78
C ASN A 262 15.06 15.34 -6.43
N SER A 263 15.76 16.23 -5.73
CA SER A 263 16.35 15.86 -4.45
C SER A 263 15.31 15.67 -3.34
N GLY A 264 14.20 16.41 -3.43
CA GLY A 264 13.20 16.37 -2.38
C GLY A 264 12.39 15.08 -2.40
N LEU A 265 12.40 14.39 -3.54
CA LEU A 265 11.51 13.23 -3.69
C LEU A 265 12.19 11.85 -3.82
N HIS A 266 13.51 11.78 -3.63
CA HIS A 266 14.21 10.48 -3.72
C HIS A 266 13.64 9.47 -2.73
N PHE A 267 13.15 9.96 -1.60
CA PHE A 267 12.64 9.11 -0.53
C PHE A 267 11.34 8.38 -0.91
N LEU A 268 10.69 8.76 -2.02
CA LEU A 268 9.45 8.09 -2.42
C LEU A 268 9.55 6.56 -2.47
N VAL A 269 10.72 6.06 -2.88
CA VAL A 269 10.94 4.62 -2.89
C VAL A 269 10.62 4.00 -1.53
N LEU A 270 10.79 4.80 -0.46
CA LEU A 270 10.65 4.30 0.90
C LEU A 270 9.19 4.11 1.26
N TYR A 271 8.28 4.56 0.39
CA TYR A 271 6.85 4.28 0.58
C TYR A 271 6.61 2.78 0.73
N ARG A 272 7.53 1.98 0.18
CA ARG A 272 7.43 0.53 0.31
C ARG A 272 7.14 0.06 1.75
N TYR A 273 7.79 0.69 2.72
CA TYR A 273 7.71 0.23 4.09
C TYR A 273 6.30 0.37 4.68
N TYR A 274 5.55 1.34 4.17
CA TYR A 274 4.14 1.50 4.53
C TYR A 274 3.23 0.70 3.59
N LEU A 275 3.48 0.83 2.29
CA LEU A 275 2.58 0.29 1.26
C LEU A 275 2.54 -1.23 1.21
N ARG A 276 3.59 -1.89 1.70
CA ARG A 276 3.57 -3.35 1.79
C ARG A 276 2.43 -3.88 2.69
N HIS A 277 1.83 -2.98 3.47
CA HIS A 277 0.75 -3.35 4.41
C HIS A 277 -0.62 -3.02 3.85
N VAL A 278 -0.65 -2.34 2.70
CA VAL A 278 -1.88 -1.93 2.06
C VAL A 278 -2.18 -2.96 0.98
N PRO A 279 -3.43 -3.44 0.89
CA PRO A 279 -4.64 -3.08 1.65
C PRO A 279 -4.98 -4.02 2.82
N LYS A 280 -4.04 -4.85 3.29
CA LYS A 280 -4.34 -5.73 4.44
C LYS A 280 -4.67 -4.87 5.66
N ASN A 281 -3.95 -3.75 5.73
CA ASN A 281 -4.25 -2.57 6.50
C ASN A 281 -5.72 -2.34 6.83
N ILE A 282 -6.46 -2.10 5.76
CA ILE A 282 -7.87 -1.78 5.80
C ILE A 282 -8.68 -2.94 6.36
N ALA A 283 -8.38 -4.14 5.85
CA ALA A 283 -9.11 -5.35 6.27
C ALA A 283 -8.92 -5.57 7.76
N LYS A 284 -7.72 -5.31 8.25
CA LYS A 284 -7.41 -5.52 9.66
C LYS A 284 -8.18 -4.54 10.55
N LEU A 285 -8.18 -3.27 10.17
CA LEU A 285 -8.85 -2.26 10.97
C LEU A 285 -10.34 -2.60 11.04
N CYS A 286 -10.89 -3.12 9.94
CA CYS A 286 -12.27 -3.62 9.94
C CYS A 286 -12.47 -4.80 10.88
N SER A 287 -11.56 -5.78 10.83
CA SER A 287 -11.61 -6.89 11.78
C SER A 287 -11.68 -6.37 13.20
N ILE A 288 -10.83 -5.40 13.49
CA ILE A 288 -10.75 -4.82 14.83
C ILE A 288 -12.08 -4.16 15.20
N GLY A 289 -12.67 -3.44 14.24
CA GLY A 289 -13.96 -2.79 14.45
C GLY A 289 -15.09 -3.78 14.70
N THR A 291 -15.00 -6.75 16.36
CA THR A 291 -14.93 -7.57 17.56
C THR A 291 -16.12 -7.25 18.45
N ASP A 292 -16.85 -8.28 18.85
CA ASP A 292 -17.97 -8.13 19.77
C ASP A 292 -17.42 -7.62 21.09
N GLU A 293 -18.11 -6.65 21.70
CA GLU A 293 -17.61 -6.03 22.92
C GLU A 293 -17.58 -6.98 24.10
N ILE A 294 -18.45 -7.99 24.08
CA ILE A 294 -18.51 -8.97 25.18
C ILE A 294 -17.18 -9.73 25.31
N GLU A 295 -16.45 -9.85 24.21
CA GLU A 295 -15.18 -10.56 24.21
C GLU A 295 -14.03 -9.71 24.74
N VAL A 296 -14.24 -8.40 24.87
CA VAL A 296 -13.19 -7.52 25.40
C VAL A 296 -13.68 -6.58 26.51
N GLY A 297 -14.99 -6.49 26.68
CA GLY A 297 -15.58 -5.59 27.67
C GLY A 297 -15.91 -4.26 27.04
N ARG A 298 -16.72 -3.46 27.73
CA ARG A 298 -17.04 -2.11 27.27
C ARG A 298 -15.78 -1.26 27.25
N GLU A 299 -14.83 -1.61 28.11
CA GLU A 299 -13.63 -0.82 28.32
C GLU A 299 -12.65 -0.84 27.15
N LEU A 300 -12.35 -2.03 26.64
CA LEU A 300 -11.42 -2.14 25.53
C LEU A 300 -12.13 -2.34 24.18
N TYR A 301 -13.39 -1.91 24.11
CA TYR A 301 -14.17 -1.98 22.88
C TYR A 301 -13.60 -1.01 21.85
N PRO A 302 -13.04 -1.54 20.75
CA PRO A 302 -12.38 -0.69 19.75
C PRO A 302 -13.35 0.12 18.89
N LEU A 303 -14.53 -0.42 18.65
CA LEU A 303 -15.50 0.18 17.73
C LEU A 303 -15.82 1.67 17.99
N PRO A 304 -16.21 2.05 19.23
CA PRO A 304 -16.48 3.47 19.46
C PRO A 304 -15.24 4.36 19.30
N VAL A 305 -14.05 3.79 19.47
CA VAL A 305 -12.81 4.54 19.30
C VAL A 305 -12.55 4.84 17.83
N ILE A 306 -12.71 3.84 16.99
CA ILE A 306 -12.58 4.01 15.54
C ILE A 306 -13.65 4.97 14.99
N GLU A 307 -14.89 4.76 15.42
CA GLU A 307 -16.04 5.57 14.99
C GLU A 307 -15.83 7.07 15.28
N GLU A 308 -15.40 7.39 16.50
CA GLU A 308 -15.08 8.77 16.89
C GLU A 308 -13.98 9.39 16.03
N PHE A 309 -12.94 8.63 15.72
CA PHE A 309 -11.90 9.13 14.83
C PHE A 309 -12.42 9.29 13.39
N ASP A 310 -13.09 8.27 12.87
CA ASP A 310 -13.66 8.28 11.52
C ASP A 310 -14.60 9.47 11.33
N LYS A 311 -15.59 9.59 12.21
CA LYS A 311 -16.53 10.70 12.18
C LYS A 311 -15.76 12.01 12.13
N GLN A 312 -14.83 12.18 13.07
CA GLN A 312 -13.95 13.35 13.14
C GLN A 312 -13.26 13.66 11.80
N GLN A 313 -12.58 12.69 11.21
CA GLN A 313 -11.91 12.91 9.92
C GLN A 313 -12.85 13.27 8.75
N LYS A 314 -14.03 12.65 8.71
CA LYS A 314 -14.98 12.94 7.63
C LYS A 314 -15.52 14.36 7.71
N THR A 316 -13.87 16.79 9.20
CA THR A 316 -12.70 17.66 9.08
C THR A 316 -12.03 17.63 7.69
N LYS A 317 -11.60 16.46 7.23
CA LYS A 317 -10.84 16.34 5.99
C LYS A 317 -11.67 15.78 4.82
N LYS A 318 -12.93 15.46 5.09
CA LYS A 318 -13.79 14.82 4.10
C LYS A 318 -13.21 13.51 3.59
N SER A 320 -12.74 9.29 5.15
CA SER A 320 -12.91 8.32 6.23
C SER A 320 -11.53 7.78 6.62
N VAL A 321 -11.46 6.98 7.67
CA VAL A 321 -10.17 6.44 8.10
C VAL A 321 -9.65 5.35 7.15
N LEU A 322 -10.57 4.62 6.51
CA LEU A 322 -10.14 3.62 5.55
C LEU A 322 -9.58 4.28 4.28
N GLN A 323 -10.15 5.42 3.90
CA GLN A 323 -9.66 6.14 2.75
C GLN A 323 -8.29 6.69 3.02
N LEU A 325 -6.03 5.39 4.91
CA LEU A 325 -5.07 4.27 4.86
C LEU A 325 -4.63 3.91 3.44
N VAL A 326 -5.53 4.07 2.48
CA VAL A 326 -5.21 3.70 1.09
C VAL A 326 -4.67 4.89 0.28
N TYR A 327 -4.96 6.11 0.75
CA TYR A 327 -4.53 7.36 0.12
C TYR A 327 -3.05 7.48 -0.29
N PRO A 328 -2.10 7.08 0.60
CA PRO A 328 -0.69 7.27 0.23
C PRO A 328 -0.30 6.45 -1.00
N TYR A 329 -1.10 5.43 -1.31
CA TYR A 329 -0.81 4.58 -2.45
C TYR A 329 -0.84 5.37 -3.77
N PHE A 330 -1.58 6.48 -3.79
CA PHE A 330 -1.76 7.27 -5.02
C PHE A 330 -1.06 8.62 -5.02
N ARG A 331 -0.29 8.90 -3.97
CA ARG A 331 0.42 10.17 -3.84
C ARG A 331 1.25 10.55 -5.09
N VAL A 332 1.97 9.60 -5.68
CA VAL A 332 2.84 9.92 -6.84
C VAL A 332 2.10 10.60 -8.00
N ARG A 333 0.84 10.22 -8.21
CA ARG A 333 0.01 10.83 -9.26
C ARG A 333 -0.09 12.34 -9.12
N THR A 334 -0.21 12.79 -7.87
CA THR A 334 -0.29 14.21 -7.58
C THR A 334 1.01 14.90 -8.02
N TYR A 335 2.14 14.26 -7.74
CA TYR A 335 3.42 14.84 -8.13
C TYR A 335 3.57 14.87 -9.65
N GLN A 336 3.12 13.81 -10.32
CA GLN A 336 3.13 13.78 -11.78
C GLN A 336 2.26 14.90 -12.37
N ALA A 337 1.07 15.12 -11.80
CA ALA A 337 0.20 16.21 -12.25
C ALA A 337 0.86 17.58 -12.06
N TYR A 338 1.50 17.79 -10.91
CA TYR A 338 2.24 19.05 -10.72
C TYR A 338 3.38 19.21 -11.73
N VAL A 339 4.15 18.16 -11.95
CA VAL A 339 5.31 18.25 -12.84
C VAL A 339 4.88 18.56 -14.27
N ASP A 340 3.77 17.99 -14.71
CA ASP A 340 3.24 18.29 -16.04
C ASP A 340 2.85 19.75 -16.13
N ASP A 341 2.27 20.29 -15.08
CA ASP A 341 1.96 21.71 -15.03
C ASP A 341 3.18 22.64 -14.92
N PHE A 342 4.18 22.27 -14.12
CA PHE A 342 5.41 23.06 -14.08
C PHE A 342 6.07 23.14 -15.47
N ILE A 343 6.12 21.99 -16.14
CA ILE A 343 6.71 21.90 -17.48
C ILE A 343 6.00 22.82 -18.48
N LYS A 344 4.68 22.89 -18.35
CA LYS A 344 3.86 23.67 -19.28
C LYS A 344 4.10 25.18 -19.17
N ILE A 345 4.37 25.67 -17.96
CA ILE A 345 4.57 27.10 -17.78
C ILE A 345 6.06 27.49 -17.73
N THR A 346 6.93 26.50 -17.82
CA THR A 346 8.38 26.75 -17.88
C THR A 346 8.81 27.03 -19.32
N LYS A 347 9.68 28.02 -19.49
CA LYS A 347 10.23 28.38 -20.79
C LYS A 347 10.70 27.16 -21.57
N LYS A 348 10.21 27.02 -22.80
CA LYS A 348 10.57 25.91 -23.68
C LYS A 348 12.07 25.76 -23.82
N ASP A 349 12.52 24.52 -23.94
CA ASP A 349 13.92 24.20 -24.29
C ASP A 349 14.96 24.67 -23.28
N SER A 350 14.51 25.25 -22.17
CA SER A 350 15.43 25.81 -21.20
C SER A 350 16.07 24.68 -20.39
N GLN A 351 17.12 25.01 -19.65
CA GLN A 351 17.73 24.04 -18.76
C GLN A 351 16.72 23.64 -17.67
N GLU A 352 15.96 24.62 -17.19
CA GLU A 352 15.03 24.39 -16.10
C GLU A 352 13.93 23.39 -16.47
N VAL A 353 13.56 23.34 -17.75
CA VAL A 353 12.54 22.40 -18.22
C VAL A 353 13.14 21.00 -18.47
N LYS A 354 14.43 20.92 -18.77
CA LYS A 354 15.09 19.63 -18.86
C LYS A 354 15.23 18.98 -17.49
N GLU A 355 15.41 19.80 -16.45
CA GLU A 355 15.46 19.27 -15.09
C GLU A 355 14.10 18.67 -14.70
N LEU A 356 13.01 19.31 -15.12
CA LEU A 356 11.67 18.83 -14.81
C LEU A 356 11.34 17.51 -15.55
N GLU A 357 11.75 17.40 -16.80
CA GLU A 357 11.58 16.15 -17.55
C GLU A 357 12.26 14.97 -16.82
N VAL A 358 13.41 15.24 -16.23
CA VAL A 358 14.11 14.26 -15.41
C VAL A 358 13.22 13.81 -14.29
N VAL A 359 12.62 14.78 -13.58
CA VAL A 359 11.72 14.45 -12.49
C VAL A 359 10.51 13.67 -12.99
N HIS A 360 10.04 14.00 -14.18
CA HIS A 360 8.93 13.27 -14.82
C HIS A 360 9.24 11.77 -14.94
N SER A 361 10.45 11.46 -15.39
CA SER A 361 10.92 10.08 -15.49
C SER A 361 11.03 9.42 -14.12
N GLN A 362 11.59 10.14 -13.14
CA GLN A 362 11.73 9.62 -11.80
C GLN A 362 10.37 9.18 -11.25
N LEU A 363 9.38 10.08 -11.34
CA LEU A 363 8.05 9.77 -10.81
C LEU A 363 7.39 8.60 -11.52
N ALA A 364 7.50 8.56 -12.85
CA ALA A 364 7.01 7.39 -13.58
C ALA A 364 7.69 6.12 -13.05
N ILE A 365 8.97 6.21 -12.66
CA ILE A 365 9.70 5.06 -12.16
C ILE A 365 9.19 4.62 -10.79
N PHE A 366 8.97 5.58 -9.90
CA PHE A 366 8.44 5.27 -8.58
C PHE A 366 7.11 4.53 -8.70
N GLN A 367 6.28 4.96 -9.63
CA GLN A 367 4.97 4.35 -9.86
C GLN A 367 5.15 2.91 -10.34
N GLU A 368 6.08 2.72 -11.27
CA GLU A 368 6.38 1.38 -11.75
C GLU A 368 6.87 0.44 -10.64
N LEU A 369 7.69 0.95 -9.73
CA LEU A 369 8.22 0.13 -8.64
C LEU A 369 7.06 -0.35 -7.78
N ILE A 370 6.17 0.57 -7.43
CA ILE A 370 4.99 0.25 -6.65
C ILE A 370 4.17 -0.85 -7.32
N ASN A 371 3.96 -0.71 -8.63
CA ASN A 371 3.21 -1.73 -9.39
C ASN A 371 3.79 -3.17 -9.34
N THR A 372 5.09 -3.29 -9.13
CA THR A 372 5.71 -4.62 -9.12
C THR A 372 5.42 -5.39 -7.83
N TYR A 373 5.05 -4.71 -6.75
CA TYR A 373 4.82 -5.44 -5.53
C TYR A 373 3.41 -5.27 -4.97
N SER A 374 2.52 -4.69 -5.76
CA SER A 374 1.13 -4.55 -5.32
C SER A 374 0.18 -4.88 -6.47
N ASP A 375 -1.10 -5.00 -6.14
CA ASP A 375 -2.13 -5.28 -7.13
C ASP A 375 -2.91 -4.00 -7.31
N ILE A 376 -2.58 -3.26 -8.37
CA ILE A 376 -3.14 -1.93 -8.57
C ILE A 376 -4.66 -1.96 -8.70
N ASN A 377 -5.18 -2.90 -9.49
CA ASN A 377 -6.61 -3.00 -9.69
C ASN A 377 -7.39 -3.30 -8.40
N LYS A 378 -6.87 -4.21 -7.59
CA LYS A 378 -7.51 -4.60 -6.35
C LYS A 378 -7.60 -3.38 -5.44
N ILE A 379 -6.48 -2.66 -5.36
CA ILE A 379 -6.38 -1.49 -4.50
C ILE A 379 -7.22 -0.32 -5.02
N GLU A 380 -7.22 -0.10 -6.34
CA GLU A 380 -8.07 0.94 -6.94
C GLU A 380 -9.57 0.64 -6.76
N ARG A 381 -9.95 -0.63 -6.88
CA ARG A 381 -11.32 -1.03 -6.64
C ARG A 381 -11.77 -0.74 -5.19
N ILE A 382 -10.90 -1.06 -4.24
CA ILE A 382 -11.16 -0.73 -2.84
C ILE A 382 -11.33 0.79 -2.69
N SER A 383 -10.34 1.54 -3.15
CA SER A 383 -10.41 3.01 -3.15
C SER A 383 -11.67 3.63 -3.77
N ASP A 384 -12.11 3.09 -4.91
CA ASP A 384 -13.38 3.51 -5.52
C ASP A 384 -14.59 3.13 -4.63
N ALA A 385 -14.53 1.96 -4.02
CA ALA A 385 -15.62 1.52 -3.18
C ALA A 385 -15.77 2.48 -2.01
N LEU A 386 -14.64 2.91 -1.44
CA LEU A 386 -14.66 3.82 -0.29
C LEU A 386 -15.20 5.21 -0.64
N LYS A 387 -14.90 5.71 -1.83
CA LYS A 387 -15.42 7.02 -2.24
C LYS A 387 -16.93 6.97 -2.43
N LEU A 388 -17.41 5.91 -3.09
CA LEU A 388 -18.86 5.76 -3.31
C LEU A 388 -19.66 5.64 -2.01
N LEU A 389 -19.09 4.96 -1.02
CA LEU A 389 -19.77 4.70 0.24
C LEU A 389 -19.37 5.69 1.33
N PHE A 390 -18.74 6.79 0.93
CA PHE A 390 -18.41 7.85 1.86
C PHE A 390 -19.58 8.32 2.76
N PRO A 391 -20.83 8.36 2.24
CA PRO A 391 -21.90 8.81 3.14
C PRO A 391 -22.18 7.86 4.30
N PHE A 392 -21.66 6.64 4.26
CA PHE A 392 -22.03 5.65 5.27
C PHE A 392 -21.03 5.57 6.44
N SER A 393 -21.55 5.33 7.63
CA SER A 393 -20.72 5.27 8.83
C SER A 393 -19.81 4.06 8.77
N PHE A 394 -18.73 4.12 9.54
CA PHE A 394 -17.76 3.03 9.59
C PHE A 394 -18.44 1.72 9.99
N THR A 395 -19.33 1.78 10.97
CA THR A 395 -20.04 0.58 11.45
C THR A 395 -20.80 -0.13 10.35
N SER A 396 -21.48 0.67 9.52
CA SER A 396 -22.21 0.14 8.36
C SER A 396 -21.32 -0.46 7.27
N ILE A 397 -20.18 0.16 6.96
CA ILE A 397 -19.36 -0.34 5.84
C ILE A 397 -18.32 -1.40 6.19
N PRO A 399 -18.04 -4.51 7.47
CA PRO A 399 -18.04 -5.89 6.96
C PRO A 399 -17.70 -5.97 5.47
N LEU A 400 -17.91 -4.87 4.74
CA LEU A 400 -17.67 -4.87 3.31
C LEU A 400 -16.18 -4.82 3.02
N PHE A 401 -15.40 -4.26 3.95
CA PHE A 401 -13.99 -4.06 3.68
C PHE A 401 -13.07 -4.91 4.57
N GLU A 402 -13.65 -5.93 5.18
CA GLU A 402 -12.91 -6.87 6.03
C GLU A 402 -12.09 -7.87 5.20
N GLY A 403 -12.32 -7.85 3.90
CA GLY A 403 -11.51 -8.61 2.96
C GLY A 403 -11.40 -7.84 1.65
N LYS A 404 -10.87 -8.49 0.61
CA LYS A 404 -10.75 -7.81 -0.68
C LYS A 404 -12.15 -7.44 -1.17
N ASN A 405 -12.27 -6.29 -1.83
CA ASN A 405 -13.59 -5.77 -2.16
C ASN A 405 -13.58 -4.80 -3.33
N GLY A 406 -14.76 -4.62 -3.94
CA GLY A 406 -14.91 -3.72 -5.06
C GLY A 406 -16.37 -3.67 -5.46
N ILE A 407 -16.76 -2.62 -6.18
CA ILE A 407 -18.11 -2.53 -6.71
C ILE A 407 -18.27 -3.47 -7.89
N CYS A 408 -19.27 -4.34 -7.86
CA CYS A 408 -19.48 -5.27 -8.97
C CYS A 408 -20.66 -4.89 -9.88
N GLY A 409 -21.54 -4.02 -9.39
CA GLY A 409 -22.69 -3.63 -10.17
C GLY A 409 -23.58 -2.62 -9.47
N ILE A 410 -24.11 -1.69 -10.25
CA ILE A 410 -24.98 -0.66 -9.70
C ILE A 410 -26.24 -0.54 -10.55
N ALA A 411 -27.37 -0.43 -9.88
CA ALA A 411 -28.65 -0.23 -10.56
C ALA A 411 -29.54 0.61 -9.66
N SER A 412 -30.19 1.61 -10.23
CA SER A 412 -31.18 2.35 -9.46
C SER A 412 -32.48 1.54 -9.49
N LEU A 413 -33.17 1.51 -8.38
CA LEU A 413 -34.30 0.62 -8.25
C LEU A 413 -35.61 1.37 -8.36
N ASP A 414 -36.56 0.69 -8.97
CA ASP A 414 -37.91 1.15 -9.21
C ASP A 414 -38.83 0.52 -8.15
N ARG A 415 -38.52 -0.73 -7.81
CA ARG A 415 -39.28 -1.49 -6.84
C ARG A 415 -38.36 -2.22 -5.87
N PHE A 416 -38.88 -2.48 -4.67
CA PHE A 416 -38.15 -3.23 -3.67
C PHE A 416 -39.14 -3.86 -2.71
N ASP A 417 -38.84 -5.06 -2.23
CA ASP A 417 -39.70 -5.68 -1.24
C ASP A 417 -38.94 -6.75 -0.46
N LYS A 418 -39.44 -7.07 0.72
CA LYS A 418 -38.91 -8.15 1.53
C LYS A 418 -40.05 -9.07 1.93
N THR A 419 -40.06 -10.27 1.34
CA THR A 419 -41.07 -11.26 1.68
C THR A 419 -40.40 -12.41 2.44
N ASP A 420 -41.18 -13.45 2.76
CA ASP A 420 -40.62 -14.67 3.32
C ASP A 420 -39.75 -15.32 2.26
N ILE A 421 -38.76 -16.08 2.70
CA ILE A 421 -37.89 -16.82 1.80
C ILE A 421 -38.75 -17.77 0.94
N ASN A 422 -38.42 -17.85 -0.35
CA ASN A 422 -39.13 -18.69 -1.32
C ASN A 422 -40.49 -18.19 -1.82
N GLN A 423 -40.98 -17.05 -1.33
CA GLN A 423 -42.23 -16.51 -1.86
C GLN A 423 -42.10 -16.18 -3.34
N LEU A 424 -43.08 -16.63 -4.12
CA LEU A 424 -43.03 -16.49 -5.58
C LEU A 424 -43.29 -15.07 -6.08
N SER A 425 -44.03 -14.28 -5.32
CA SER A 425 -44.36 -12.93 -5.73
C SER A 425 -44.06 -11.94 -4.63
N SER A 427 -45.14 -8.04 -3.04
CA SER A 427 -46.43 -7.39 -2.91
C SER A 427 -46.64 -6.28 -3.95
N LEU A 428 -47.90 -5.95 -4.20
CA LEU A 428 -48.26 -4.82 -5.03
C LEU A 428 -47.86 -3.54 -4.26
N ASN A 429 -47.81 -2.42 -4.97
CA ASN A 429 -47.43 -1.15 -4.34
C ASN A 429 -46.16 -1.29 -3.50
N SER A 430 -45.08 -1.73 -4.14
CA SER A 430 -43.80 -1.83 -3.49
C SER A 430 -42.81 -0.92 -4.21
N ARG A 431 -43.34 0.13 -4.83
CA ARG A 431 -42.53 1.08 -5.57
C ARG A 431 -41.78 2.01 -4.63
N LYS A 432 -40.45 2.02 -4.77
CA LYS A 432 -39.56 2.83 -3.94
C LYS A 432 -38.39 3.27 -4.79
N LYS A 433 -38.01 4.55 -4.68
CA LYS A 433 -36.85 5.05 -5.39
C LYS A 433 -35.59 4.70 -4.61
N LEU A 434 -34.82 3.72 -5.10
CA LEU A 434 -33.64 3.25 -4.39
C LEU A 434 -32.44 3.03 -5.31
N THR A 435 -31.29 2.74 -4.71
CA THR A 435 -30.14 2.33 -5.49
C THR A 435 -29.63 0.97 -4.97
N LEU A 436 -29.36 0.06 -5.90
CA LEU A 436 -28.82 -1.24 -5.56
C LEU A 436 -27.32 -1.19 -5.82
N ILE A 437 -26.52 -1.58 -4.85
CA ILE A 437 -25.09 -1.70 -5.09
C ILE A 437 -24.63 -3.12 -4.80
N ILE A 438 -24.17 -3.82 -5.82
CA ILE A 438 -23.62 -5.14 -5.57
C ILE A 438 -22.13 -5.05 -5.40
N LEU A 439 -21.65 -5.44 -4.23
CA LEU A 439 -20.22 -5.47 -3.94
C LEU A 439 -19.76 -6.90 -3.77
N TYR A 440 -18.46 -7.09 -3.91
CA TYR A 440 -17.86 -8.41 -3.83
C TYR A 440 -18.17 -9.10 -2.50
N ARG A 441 -18.16 -8.34 -1.41
CA ARG A 441 -18.44 -8.94 -0.11
C ARG A 441 -19.88 -8.75 0.39
N GLY A 442 -20.75 -8.18 -0.43
CA GLY A 442 -22.12 -7.98 0.01
C GLY A 442 -23.04 -7.24 -0.94
N VAL A 443 -24.33 -7.32 -0.66
CA VAL A 443 -25.35 -6.64 -1.46
C VAL A 443 -26.03 -5.55 -0.63
N VAL A 444 -26.03 -4.34 -1.18
CA VAL A 444 -26.56 -3.16 -0.50
C VAL A 444 -27.75 -2.56 -1.24
N VAL A 445 -28.77 -2.15 -0.49
CA VAL A 445 -29.77 -1.25 -1.05
C VAL A 445 -29.80 0.00 -0.19
N THR A 446 -29.96 1.16 -0.82
CA THR A 446 -29.94 2.39 -0.06
C THR A 446 -30.90 3.40 -0.66
N ASP A 447 -31.45 4.25 0.20
CA ASP A 447 -32.33 5.32 -0.22
C ASP A 447 -31.53 6.62 -0.31
N VAL A 448 -30.23 6.53 0.00
CA VAL A 448 -29.35 7.68 -0.03
C VAL A 448 -28.85 7.95 -1.46
N PRO A 449 -29.00 9.21 -1.91
CA PRO A 449 -28.49 9.59 -3.23
C PRO A 449 -26.98 9.41 -3.23
N VAL A 450 -26.51 8.47 -4.02
CA VAL A 450 -25.14 8.00 -3.95
C VAL A 450 -24.43 8.14 -5.30
N ILE A 451 -25.22 8.32 -6.36
CA ILE A 451 -24.73 8.67 -7.69
C ILE A 451 -25.67 9.74 -8.26
N ARG A 452 -25.46 10.15 -9.51
CA ARG A 452 -26.30 11.20 -10.09
C ARG A 452 -27.28 10.68 -11.13
N ASN A 456 -27.73 15.04 -7.82
CA ASN A 456 -26.96 15.41 -6.62
C ASN A 456 -26.65 14.20 -5.75
N VAL A 457 -25.68 14.39 -4.85
CA VAL A 457 -25.25 13.35 -3.92
C VAL A 457 -25.28 13.90 -2.49
N SER A 458 -25.49 13.02 -1.50
CA SER A 458 -25.59 13.39 -0.08
C SER A 458 -24.33 14.05 0.51
N ASN A 459 -24.53 15.02 1.40
CA ASN A 459 -23.45 15.67 2.14
C ASN A 459 -23.27 15.09 3.54
N SER A 460 -23.84 13.91 3.76
CA SER A 460 -23.82 13.25 5.07
C SER A 460 -22.65 12.27 5.19
N ILE A 461 -22.35 11.88 6.42
CA ILE A 461 -21.23 11.00 6.68
C ILE A 461 -21.63 9.90 7.67
N ASP A 462 -22.91 9.88 8.04
CA ASP A 462 -23.40 9.00 9.10
C ASP A 462 -24.52 8.05 8.66
N LYS A 463 -24.65 7.80 7.36
CA LYS A 463 -25.80 7.04 6.86
C LYS A 463 -25.68 5.56 7.17
N SER A 464 -26.80 4.86 7.16
CA SER A 464 -26.78 3.40 7.24
C SER A 464 -27.42 2.80 5.99
N PHE A 465 -27.33 1.48 5.86
CA PHE A 465 -27.86 0.76 4.72
C PHE A 465 -29.31 0.33 4.97
N TYR A 466 -30.21 0.67 4.04
CA TYR A 466 -31.60 0.25 4.14
C TYR A 466 -31.70 -1.27 4.09
N SER A 467 -30.88 -1.88 3.24
CA SER A 467 -30.81 -3.34 3.17
C SER A 467 -29.36 -3.74 3.01
N PHE A 468 -28.94 -4.74 3.78
CA PHE A 468 -27.56 -5.20 3.72
C PHE A 468 -27.49 -6.69 3.92
N THR A 469 -26.82 -7.36 3.00
CA THR A 469 -26.72 -8.80 3.03
C THR A 469 -25.27 -9.21 2.73
N LEU A 470 -24.60 -9.85 3.68
CA LEU A 470 -23.26 -10.34 3.44
C LEU A 470 -23.34 -11.40 2.36
N ILE A 471 -22.37 -11.40 1.45
CA ILE A 471 -22.42 -12.25 0.27
C ILE A 471 -22.51 -13.73 0.67
N GLY A 472 -21.88 -14.07 1.80
CA GLY A 472 -21.94 -15.43 2.31
C GLY A 472 -23.31 -15.88 2.80
N ASP A 473 -24.23 -14.94 3.00
CA ASP A 473 -25.55 -15.29 3.55
C ASP A 473 -26.59 -15.46 2.46
N ILE A 474 -26.15 -15.46 1.22
CA ILE A 474 -27.06 -15.58 0.10
C ILE A 474 -27.05 -17.01 -0.43
N ARG A 475 -28.17 -17.71 -0.27
CA ARG A 475 -28.25 -19.09 -0.71
C ARG A 475 -28.28 -19.18 -2.24
N ASP A 476 -29.13 -18.37 -2.84
CA ASP A 476 -29.29 -18.36 -4.29
C ASP A 476 -29.90 -17.04 -4.72
N PHE A 477 -29.96 -16.83 -6.03
CA PHE A 477 -30.65 -15.67 -6.57
C PHE A 477 -31.38 -16.05 -7.84
N GLY A 478 -32.48 -15.35 -8.12
CA GLY A 478 -33.21 -15.57 -9.34
C GLY A 478 -33.52 -14.25 -9.99
N THR A 479 -34.09 -14.30 -11.19
CA THR A 479 -34.52 -13.10 -11.88
C THR A 479 -35.80 -13.36 -12.67
N GLU A 480 -36.74 -12.44 -12.57
CA GLU A 480 -37.83 -12.34 -13.51
C GLU A 480 -37.42 -11.33 -14.59
N ASP A 481 -36.71 -11.83 -15.61
CA ASP A 481 -36.14 -10.97 -16.65
C ASP A 481 -37.17 -10.07 -17.32
N SER A 482 -38.39 -10.59 -17.45
CA SER A 482 -39.51 -9.84 -18.01
C SER A 482 -39.63 -8.44 -17.44
N THR A 483 -39.62 -8.34 -16.11
CA THR A 483 -39.78 -7.05 -15.44
C THR A 483 -38.48 -6.49 -14.86
N GLU A 484 -37.34 -7.03 -15.30
CA GLU A 484 -36.02 -6.62 -14.80
C GLU A 484 -35.90 -6.73 -13.29
N THR A 485 -36.42 -7.82 -12.75
CA THR A 485 -36.49 -8.03 -11.31
C THR A 485 -35.43 -9.03 -10.84
N ILE A 486 -34.71 -8.68 -9.77
CA ILE A 486 -33.76 -9.60 -9.17
C ILE A 486 -34.17 -9.92 -7.73
N TYR A 487 -34.05 -11.18 -7.33
CA TYR A 487 -34.27 -11.53 -5.95
C TYR A 487 -33.12 -12.37 -5.41
N ILE A 488 -32.88 -12.27 -4.11
CA ILE A 488 -31.91 -13.12 -3.44
C ILE A 488 -32.58 -13.79 -2.24
N ASP A 489 -32.30 -15.08 -2.04
CA ASP A 489 -32.85 -15.79 -0.90
C ASP A 489 -31.88 -15.80 0.27
N VAL A 490 -32.32 -15.33 1.44
CA VAL A 490 -31.43 -15.20 2.58
C VAL A 490 -31.98 -15.98 3.78
N PRO A 491 -31.51 -17.24 3.97
CA PRO A 491 -32.00 -18.21 4.95
C PRO A 491 -31.90 -17.72 6.40
N GLU A 492 -30.70 -17.30 6.80
CA GLU A 492 -30.41 -16.80 8.15
C GLU A 492 -31.52 -15.91 8.72
N ILE A 493 -32.11 -15.07 7.87
CA ILE A 493 -33.20 -14.20 8.29
C ILE A 493 -34.54 -14.61 7.65
N LYS A 494 -34.53 -15.74 6.95
CA LYS A 494 -35.73 -16.31 6.33
C LYS A 494 -36.45 -15.33 5.40
N LYS A 495 -35.68 -14.54 4.67
CA LYS A 495 -36.27 -13.57 3.76
C LYS A 495 -35.80 -13.79 2.32
N ARG A 496 -36.70 -13.49 1.38
CA ARG A 496 -36.29 -13.23 0.00
C ARG A 496 -36.39 -11.72 -0.18
N ILE A 497 -35.32 -11.12 -0.71
CA ILE A 497 -35.29 -9.68 -0.94
C ILE A 497 -35.39 -9.41 -2.44
N TRP A 498 -36.34 -8.56 -2.84
CA TRP A 498 -36.59 -8.27 -4.25
C TRP A 498 -36.08 -6.91 -4.71
N PHE A 499 -35.33 -6.90 -5.82
CA PHE A 499 -34.83 -5.66 -6.40
C PHE A 499 -35.43 -5.43 -7.80
N GLY A 500 -36.22 -4.37 -7.96
CA GLY A 500 -36.77 -4.02 -9.26
C GLY A 500 -36.01 -2.88 -9.94
N CYS A 501 -35.33 -3.19 -11.05
CA CYS A 501 -34.41 -2.25 -11.72
C CYS A 501 -35.08 -1.38 -12.78
N GLU A 502 -34.68 -0.11 -12.87
CA GLU A 502 -35.16 0.82 -13.89
C GLU A 502 -34.52 0.61 -15.27
N SER A 503 -33.22 0.33 -15.30
CA SER A 503 -32.47 0.12 -16.55
C SER A 503 -32.35 -1.35 -16.85
N THR A 504 -32.71 -1.75 -18.07
CA THR A 504 -32.39 -3.07 -18.56
C THR A 504 -30.87 -3.27 -18.55
N GLU A 505 -30.15 -2.26 -19.00
CA GLU A 505 -28.68 -2.23 -19.00
C GLU A 505 -28.08 -2.56 -17.64
N GLU A 506 -28.43 -1.77 -16.64
CA GLU A 506 -27.93 -1.99 -15.28
C GLU A 506 -28.46 -3.30 -14.70
N PHE A 507 -29.65 -3.72 -15.13
CA PHE A 507 -30.21 -5.00 -14.72
C PHE A 507 -29.29 -6.15 -15.14
N LYS A 508 -28.94 -6.17 -16.43
CA LYS A 508 -28.04 -7.20 -16.94
C LYS A 508 -26.67 -7.12 -16.27
N SER A 509 -26.19 -5.90 -16.05
CA SER A 509 -24.92 -5.70 -15.37
C SER A 509 -24.94 -6.36 -13.99
N CYS A 510 -26.06 -6.20 -13.29
CA CYS A 510 -26.18 -6.69 -11.93
C CYS A 510 -26.39 -8.21 -11.86
N VAL A 511 -27.04 -8.76 -12.87
CA VAL A 511 -27.23 -10.20 -12.96
C VAL A 511 -25.88 -10.89 -13.19
N GLU A 512 -25.11 -10.35 -14.13
CA GLU A 512 -23.80 -10.91 -14.44
C GLU A 512 -22.90 -10.83 -13.21
N ALA A 513 -22.99 -9.72 -12.49
CA ALA A 513 -22.24 -9.53 -11.26
C ALA A 513 -22.53 -10.64 -10.24
N LEU A 514 -23.81 -10.87 -9.97
CA LEU A 514 -24.22 -11.92 -9.03
C LEU A 514 -23.78 -13.30 -9.51
N ARG A 515 -23.88 -13.54 -10.81
CA ARG A 515 -23.42 -14.80 -11.39
C ARG A 515 -21.93 -15.06 -11.09
N THR A 516 -21.08 -14.07 -11.27
CA THR A 516 -19.66 -14.26 -11.04
C THR A 516 -19.34 -14.41 -9.54
N ILE A 517 -19.96 -13.57 -8.72
CA ILE A 517 -19.67 -13.55 -7.28
C ILE A 517 -20.22 -14.76 -6.52
N LEU A 518 -21.51 -15.05 -6.71
CA LEU A 518 -22.16 -16.17 -6.00
C LEU A 518 -21.79 -17.51 -6.62
#